data_2UZ4
#
_entry.id   2UZ4
#
_cell.length_a   95.177
_cell.length_b   95.177
_cell.length_c   312.355
_cell.angle_alpha   90.00
_cell.angle_beta   90.00
_cell.angle_gamma   120.00
#
_symmetry.space_group_name_H-M   'H 3 2'
#
loop_
_entity.id
_entity.type
_entity.pdbx_description
1 polymer 'MODIFICATION METHYLASE HHAI'
2 polymer "5'-D(*TP*GP*GP*AP*TP*GP*5CMP*GP*CP*TP*GP *AP*C)-3'"
3 polymer "5'-D(*GP*TP*CP*AP*GP*CP*GP*CP*AP*TP *CP*C)-3'"
4 non-polymer S-ADENOSYL-L-HOMOCYSTEINE
5 non-polymer 'SULFATE ION'
6 non-polymer GLYCEROL
7 water water
#
loop_
_entity_poly.entity_id
_entity_poly.type
_entity_poly.pdbx_seq_one_letter_code
_entity_poly.pdbx_strand_id
1 'polypeptide(L)'
;MIEIKDKQLTGLRFIDLFAGLGGFRLALESCGAECVYSNEWDKYAQEVYEMNFGEKPEGDITQVNEKTIPDHDILCAGFP
CQAFSISGKQKGFEDSRGTLFFDIARIVREKKPKVVFMENVKNFASHDNGNTLEVVKNTMNELDYSFHAKVLNALDYGIP
QKRENIYMICFRNDLNIQNFQFPKPFELNTFVKDLLLPDSEVEHLVIDRKDLVMTNQEIEQTTPKTVRLGIVGKGGQGER
IYSTRGIAITLSAYGGGIFAKTGGYLVNGKTRKLHPRECARVMGYPDSYKVHPSTSQAYKQFGNSVVINVLQYIAYNIGS
SLNFKPY
;
A
2 'polydeoxyribonucleotide' (DT)(DG)(DG)(DA)(DT)(DG)(5CM)(DG)(DC)(DT)(DG)(DA)(DC) C
3 'polydeoxyribonucleotide' (DG)(DT)(DC)(DA)(DG)(DC)(DG)(DC)(DA)(DT)(DC)(DC) D
#
loop_
_chem_comp.id
_chem_comp.type
_chem_comp.name
_chem_comp.formula
5CM DNA linking 5-METHYL-2'-DEOXY-CYTIDINE-5'-MONOPHOSPHATE 'C10 H16 N3 O7 P'
DA DNA linking 2'-DEOXYADENOSINE-5'-MONOPHOSPHATE 'C10 H14 N5 O6 P'
DC DNA linking 2'-DEOXYCYTIDINE-5'-MONOPHOSPHATE 'C9 H14 N3 O7 P'
DG DNA linking 2'-DEOXYGUANOSINE-5'-MONOPHOSPHATE 'C10 H14 N5 O7 P'
DT DNA linking THYMIDINE-5'-MONOPHOSPHATE 'C10 H15 N2 O8 P'
GOL non-polymer GLYCEROL 'C3 H8 O3'
SAH non-polymer S-ADENOSYL-L-HOMOCYSTEINE 'C14 H20 N6 O5 S'
SO4 non-polymer 'SULFATE ION' 'O4 S -2'
#
# COMPACT_ATOMS: atom_id res chain seq x y z
N MET A 1 11.69 2.72 3.56
CA MET A 1 11.67 1.46 4.34
C MET A 1 12.80 1.44 5.38
N ILE A 2 12.69 0.55 6.36
CA ILE A 2 13.69 0.45 7.41
C ILE A 2 14.54 -0.79 7.23
N GLU A 3 15.58 -0.90 8.06
CA GLU A 3 16.47 -2.04 8.03
C GLU A 3 16.00 -3.07 9.04
N ILE A 4 16.01 -4.35 8.64
CA ILE A 4 15.59 -5.42 9.52
C ILE A 4 16.81 -6.32 9.74
N LYS A 5 17.35 -6.30 10.96
CA LYS A 5 18.52 -7.11 11.27
C LYS A 5 18.17 -8.57 11.53
N ASP A 6 17.07 -8.84 12.22
CA ASP A 6 16.65 -10.21 12.47
C ASP A 6 15.73 -10.64 11.34
N LYS A 7 16.26 -11.43 10.43
CA LYS A 7 15.47 -11.90 9.29
C LYS A 7 14.51 -13.00 9.73
N GLN A 8 13.39 -12.59 10.32
CA GLN A 8 12.38 -13.52 10.80
C GLN A 8 11.83 -14.44 9.72
N LEU A 9 11.84 -13.99 8.48
CA LEU A 9 11.29 -14.81 7.40
C LEU A 9 12.31 -15.59 6.57
N THR A 10 13.54 -15.72 7.04
CA THR A 10 14.55 -16.48 6.30
C THR A 10 14.07 -17.91 6.05
N GLY A 11 14.24 -18.39 4.83
CA GLY A 11 13.84 -19.74 4.49
C GLY A 11 12.40 -19.87 4.02
N LEU A 12 11.62 -18.80 4.14
CA LEU A 12 10.21 -18.84 3.73
C LEU A 12 10.02 -18.36 2.29
N ARG A 13 9.08 -18.97 1.58
CA ARG A 13 8.80 -18.60 0.19
C ARG A 13 7.44 -17.95 0.10
N PHE A 14 7.32 -16.92 -0.74
CA PHE A 14 6.04 -16.25 -0.89
C PHE A 14 5.79 -15.91 -2.34
N ILE A 15 4.54 -15.57 -2.64
CA ILE A 15 4.17 -15.18 -3.99
C ILE A 15 3.63 -13.76 -3.87
N ASP A 16 3.82 -12.99 -4.94
CA ASP A 16 3.45 -11.58 -5.02
C ASP A 16 2.30 -11.39 -6.00
N LEU A 17 1.05 -11.55 -5.53
CA LEU A 17 -0.12 -11.38 -6.39
C LEU A 17 -0.54 -9.91 -6.45
N PHE A 18 -1.12 -9.48 -7.59
CA PHE A 18 -1.54 -8.10 -7.80
C PHE A 18 -0.30 -7.31 -7.39
N ALA A 19 0.84 -7.79 -7.89
CA ALA A 19 2.15 -7.25 -7.57
C ALA A 19 2.37 -5.76 -7.64
N GLY A 20 1.87 -5.10 -8.69
CA GLY A 20 2.08 -3.68 -8.83
C GLY A 20 3.57 -3.35 -8.89
N LEU A 21 4.04 -2.53 -7.95
CA LEU A 21 5.44 -2.14 -7.85
C LEU A 21 6.27 -3.17 -7.08
N GLY A 22 5.59 -4.12 -6.44
CA GLY A 22 6.29 -5.13 -5.69
C GLY A 22 6.52 -4.69 -4.26
N GLY A 23 5.60 -3.87 -3.73
CA GLY A 23 5.73 -3.40 -2.35
C GLY A 23 5.83 -4.53 -1.34
N PHE A 24 5.01 -5.57 -1.52
CA PHE A 24 5.03 -6.71 -0.61
C PHE A 24 6.36 -7.46 -0.74
N ARG A 25 6.90 -7.49 -1.96
CA ARG A 25 8.17 -8.17 -2.20
C ARG A 25 9.31 -7.48 -1.46
N LEU A 26 9.36 -6.15 -1.54
CA LEU A 26 10.41 -5.39 -0.82
C LEU A 26 10.31 -5.66 0.69
N ALA A 27 9.09 -5.54 1.22
CA ALA A 27 8.86 -5.76 2.64
C ALA A 27 9.23 -7.18 3.09
N LEU A 28 8.72 -8.20 2.40
CA LEU A 28 9.03 -9.58 2.78
C LEU A 28 10.48 -9.96 2.54
N GLU A 29 11.09 -9.43 1.47
CA GLU A 29 12.49 -9.76 1.21
C GLU A 29 13.42 -9.13 2.26
N SER A 30 13.05 -7.95 2.77
CA SER A 30 13.86 -7.29 3.78
C SER A 30 13.88 -8.11 5.07
N CYS A 31 12.90 -9.01 5.20
CA CYS A 31 12.80 -9.88 6.37
C CYS A 31 13.41 -11.26 6.08
N GLY A 32 14.05 -11.40 4.93
CA GLY A 32 14.70 -12.65 4.59
C GLY A 32 13.91 -13.66 3.79
N ALA A 33 12.71 -13.31 3.36
CA ALA A 33 11.87 -14.23 2.58
C ALA A 33 12.25 -14.25 1.10
N GLU A 34 11.86 -15.33 0.44
CA GLU A 34 12.15 -15.51 -0.98
C GLU A 34 10.87 -15.51 -1.81
N CYS A 35 10.83 -14.67 -2.84
CA CYS A 35 9.67 -14.60 -3.72
C CYS A 35 9.83 -15.70 -4.76
N VAL A 36 8.76 -16.46 -4.99
CA VAL A 36 8.84 -17.54 -5.96
C VAL A 36 7.82 -17.40 -7.07
N TYR A 37 7.01 -16.34 -7.01
CA TYR A 37 6.00 -16.11 -8.04
C TYR A 37 5.40 -14.73 -7.90
N SER A 38 5.16 -14.09 -9.04
CA SER A 38 4.54 -12.77 -9.04
C SER A 38 3.53 -12.75 -10.17
N ASN A 39 2.44 -12.01 -9.96
CA ASN A 39 1.38 -11.89 -10.95
C ASN A 39 0.89 -10.45 -10.96
N GLU A 40 0.86 -9.86 -12.16
CA GLU A 40 0.45 -8.48 -12.36
C GLU A 40 0.15 -8.36 -13.85
N TRP A 41 -1.08 -7.99 -14.20
CA TRP A 41 -1.44 -7.91 -15.61
C TRP A 41 -1.29 -6.54 -16.27
N ASP A 42 -0.95 -5.52 -15.51
CA ASP A 42 -0.80 -4.21 -16.12
C ASP A 42 0.56 -4.11 -16.82
N LYS A 43 0.52 -3.72 -18.09
CA LYS A 43 1.72 -3.57 -18.91
C LYS A 43 2.83 -2.75 -18.27
N TYR A 44 2.48 -1.55 -17.84
CA TYR A 44 3.44 -0.62 -17.24
C TYR A 44 3.88 -1.04 -15.86
N ALA A 45 3.00 -1.69 -15.10
CA ALA A 45 3.34 -2.17 -13.78
C ALA A 45 4.35 -3.32 -13.97
N GLN A 46 4.14 -4.12 -15.01
CA GLN A 46 5.03 -5.23 -15.31
C GLN A 46 6.43 -4.72 -15.67
N GLU A 47 6.49 -3.59 -16.36
CA GLU A 47 7.77 -3.02 -16.76
C GLU A 47 8.57 -2.52 -15.58
N VAL A 48 7.94 -1.71 -14.72
CA VAL A 48 8.66 -1.18 -13.56
C VAL A 48 9.03 -2.33 -12.64
N TYR A 49 8.20 -3.37 -12.61
CA TYR A 49 8.47 -4.53 -11.77
C TYR A 49 9.72 -5.21 -12.26
N GLU A 50 9.81 -5.43 -13.57
CA GLU A 50 10.98 -6.09 -14.13
C GLU A 50 12.21 -5.24 -14.00
N MET A 51 12.00 -3.92 -14.06
CA MET A 51 13.06 -2.93 -13.93
C MET A 51 13.72 -3.06 -12.57
N ASN A 52 12.94 -3.44 -11.56
CA ASN A 52 13.43 -3.57 -10.20
C ASN A 52 13.73 -4.99 -9.72
N PHE A 53 13.03 -5.99 -10.26
CA PHE A 53 13.24 -7.36 -9.83
C PHE A 53 13.74 -8.30 -10.93
N GLY A 54 13.80 -7.80 -12.16
CA GLY A 54 14.30 -8.58 -13.26
C GLY A 54 13.41 -9.68 -13.84
N GLU A 55 12.17 -9.74 -13.40
CA GLU A 55 11.25 -10.74 -13.93
C GLU A 55 9.97 -10.05 -14.32
N LYS A 56 9.30 -10.59 -15.33
CA LYS A 56 8.03 -10.05 -15.79
C LYS A 56 6.94 -10.87 -15.09
N PRO A 57 6.08 -10.22 -14.29
CA PRO A 57 5.02 -10.97 -13.61
C PRO A 57 4.06 -11.63 -14.60
N GLU A 58 3.44 -12.73 -14.19
CA GLU A 58 2.49 -13.42 -15.04
C GLU A 58 1.23 -12.56 -15.09
N GLY A 59 0.52 -12.61 -16.21
CA GLY A 59 -0.69 -11.82 -16.38
C GLY A 59 -1.96 -12.35 -15.74
N ASP A 60 -3.08 -11.73 -16.11
CA ASP A 60 -4.42 -12.03 -15.61
C ASP A 60 -4.53 -13.24 -14.69
N ILE A 61 -4.65 -12.98 -13.40
CA ILE A 61 -4.74 -14.03 -12.40
C ILE A 61 -6.01 -14.89 -12.56
N THR A 62 -7.06 -14.32 -13.15
CA THR A 62 -8.30 -15.07 -13.32
C THR A 62 -8.15 -16.17 -14.38
N GLN A 63 -7.07 -16.10 -15.17
CA GLN A 63 -6.87 -17.11 -16.20
C GLN A 63 -5.76 -18.10 -15.85
N VAL A 64 -5.14 -17.90 -14.70
CA VAL A 64 -4.05 -18.77 -14.28
C VAL A 64 -4.56 -19.96 -13.49
N ASN A 65 -4.09 -21.15 -13.84
CA ASN A 65 -4.51 -22.35 -13.13
C ASN A 65 -3.70 -22.41 -11.83
N GLU A 66 -4.40 -22.24 -10.71
CA GLU A 66 -3.79 -22.24 -9.38
C GLU A 66 -2.85 -23.42 -9.09
N LYS A 67 -3.02 -24.51 -9.83
CA LYS A 67 -2.18 -25.68 -9.64
C LYS A 67 -0.79 -25.46 -10.22
N THR A 68 -0.69 -24.47 -11.11
CA THR A 68 0.56 -24.13 -11.75
C THR A 68 1.38 -23.18 -10.90
N ILE A 69 0.76 -22.63 -9.86
CA ILE A 69 1.45 -21.70 -8.96
C ILE A 69 2.38 -22.49 -8.05
N PRO A 70 3.63 -22.05 -7.93
CA PRO A 70 4.65 -22.70 -7.09
C PRO A 70 4.24 -22.81 -5.63
N ASP A 71 4.82 -23.77 -4.93
CA ASP A 71 4.54 -23.95 -3.51
C ASP A 71 5.12 -22.74 -2.81
N HIS A 72 4.45 -22.29 -1.76
CA HIS A 72 4.92 -21.12 -1.02
C HIS A 72 4.35 -21.16 0.38
N ASP A 73 4.97 -20.41 1.28
CA ASP A 73 4.56 -20.36 2.67
C ASP A 73 3.67 -19.17 2.97
N ILE A 74 3.85 -18.10 2.21
CA ILE A 74 3.08 -16.89 2.42
C ILE A 74 2.56 -16.34 1.11
N LEU A 75 1.26 -16.10 1.06
CA LEU A 75 0.61 -15.52 -0.12
C LEU A 75 0.37 -14.04 0.16
N CYS A 76 0.91 -13.18 -0.69
CA CYS A 76 0.73 -11.73 -0.52
C CYS A 76 -0.21 -11.20 -1.58
N ALA A 77 -1.16 -10.39 -1.17
CA ALA A 77 -2.11 -9.84 -2.12
C ALA A 77 -2.75 -8.55 -1.66
N GLY A 78 -2.42 -7.48 -2.36
CA GLY A 78 -3.04 -6.20 -2.09
C GLY A 78 -3.96 -6.14 -3.30
N PHE A 79 -5.12 -6.77 -3.21
CA PHE A 79 -6.04 -6.82 -4.35
C PHE A 79 -6.74 -5.49 -4.68
N PRO A 80 -7.34 -5.39 -5.88
CA PRO A 80 -8.03 -4.19 -6.33
C PRO A 80 -8.95 -3.57 -5.28
N CYS A 81 -8.98 -2.25 -5.24
CA CYS A 81 -9.78 -1.55 -4.25
C CYS A 81 -10.79 -0.54 -4.80
N GLN A 82 -10.75 -0.26 -6.09
CA GLN A 82 -11.67 0.73 -6.67
C GLN A 82 -13.12 0.46 -6.29
N ALA A 83 -13.48 -0.82 -6.20
CA ALA A 83 -14.84 -1.24 -5.87
C ALA A 83 -15.21 -1.14 -4.39
N PHE A 84 -14.24 -0.87 -3.52
CA PHE A 84 -14.54 -0.77 -2.10
C PHE A 84 -14.16 0.57 -1.48
N SER A 85 -13.33 1.34 -2.18
CA SER A 85 -12.88 2.63 -1.69
C SER A 85 -13.99 3.64 -1.45
N ILE A 86 -13.78 4.50 -0.46
CA ILE A 86 -14.75 5.53 -0.14
C ILE A 86 -14.81 6.55 -1.29
N SER A 87 -13.77 6.57 -2.11
CA SER A 87 -13.67 7.50 -3.22
C SER A 87 -14.36 7.02 -4.50
N GLY A 88 -14.80 5.77 -4.52
CA GLY A 88 -15.44 5.21 -5.69
C GLY A 88 -16.94 4.98 -5.59
N LYS A 89 -17.47 4.14 -6.47
CA LYS A 89 -18.90 3.82 -6.53
C LYS A 89 -19.35 2.70 -5.61
N GLN A 90 -18.40 2.10 -4.90
CA GLN A 90 -18.65 1.02 -3.95
C GLN A 90 -19.52 -0.14 -4.43
N LYS A 91 -19.36 -0.57 -5.69
CA LYS A 91 -20.16 -1.69 -6.17
C LYS A 91 -19.70 -3.00 -5.56
N GLY A 92 -18.54 -2.98 -4.91
CA GLY A 92 -18.05 -4.18 -4.26
C GLY A 92 -17.94 -5.43 -5.12
N PHE A 93 -18.47 -6.54 -4.62
CA PHE A 93 -18.40 -7.79 -5.36
C PHE A 93 -19.17 -7.77 -6.67
N GLU A 94 -20.02 -6.76 -6.86
CA GLU A 94 -20.80 -6.62 -8.10
C GLU A 94 -19.96 -5.99 -9.20
N ASP A 95 -18.77 -5.50 -8.84
CA ASP A 95 -17.85 -4.86 -9.78
C ASP A 95 -16.94 -5.94 -10.39
N SER A 96 -16.64 -5.83 -11.68
CA SER A 96 -15.77 -6.79 -12.35
C SER A 96 -14.37 -6.77 -11.74
N ARG A 97 -14.07 -5.68 -11.03
CA ARG A 97 -12.78 -5.49 -10.38
C ARG A 97 -12.92 -5.75 -8.87
N GLY A 98 -14.11 -6.15 -8.43
CA GLY A 98 -14.32 -6.38 -7.02
C GLY A 98 -14.38 -7.82 -6.57
N THR A 99 -14.14 -8.75 -7.48
CA THR A 99 -14.21 -10.17 -7.16
C THR A 99 -12.87 -10.88 -7.17
N LEU A 100 -11.77 -10.12 -7.23
CA LEU A 100 -10.46 -10.73 -7.25
C LEU A 100 -10.16 -11.53 -5.98
N PHE A 101 -10.83 -11.22 -4.88
CA PHE A 101 -10.58 -11.97 -3.66
C PHE A 101 -10.89 -13.46 -3.81
N PHE A 102 -11.91 -13.78 -4.61
CA PHE A 102 -12.30 -15.17 -4.79
C PHE A 102 -11.26 -15.93 -5.61
N ASP A 103 -10.37 -15.19 -6.26
CA ASP A 103 -9.31 -15.81 -7.03
C ASP A 103 -8.24 -16.20 -6.01
N ILE A 104 -8.08 -15.32 -5.01
CA ILE A 104 -7.14 -15.53 -3.93
C ILE A 104 -7.59 -16.79 -3.18
N ALA A 105 -8.89 -16.89 -2.90
CA ALA A 105 -9.44 -18.04 -2.19
C ALA A 105 -9.20 -19.30 -2.98
N ARG A 106 -9.34 -19.20 -4.30
CA ARG A 106 -9.14 -20.32 -5.20
C ARG A 106 -7.68 -20.81 -5.11
N ILE A 107 -6.75 -19.86 -5.11
CA ILE A 107 -5.34 -20.20 -5.01
C ILE A 107 -5.01 -20.78 -3.65
N VAL A 108 -5.59 -20.20 -2.59
CA VAL A 108 -5.33 -20.67 -1.22
C VAL A 108 -5.86 -22.09 -1.03
N ARG A 109 -7.10 -22.31 -1.44
CA ARG A 109 -7.75 -23.61 -1.35
C ARG A 109 -6.84 -24.70 -1.93
N GLU A 110 -6.17 -24.38 -3.03
CA GLU A 110 -5.28 -25.31 -3.72
C GLU A 110 -3.86 -25.37 -3.19
N LYS A 111 -3.26 -24.22 -2.91
CA LYS A 111 -1.88 -24.18 -2.44
C LYS A 111 -1.71 -24.21 -0.92
N LYS A 112 -2.77 -23.89 -0.19
CA LYS A 112 -2.73 -23.90 1.26
C LYS A 112 -1.41 -23.45 1.90
N PRO A 113 -1.06 -22.16 1.74
CA PRO A 113 0.18 -21.65 2.33
C PRO A 113 0.02 -21.50 3.85
N LYS A 114 1.12 -21.26 4.56
CA LYS A 114 1.04 -21.09 6.00
C LYS A 114 0.33 -19.79 6.33
N VAL A 115 0.62 -18.74 5.56
CA VAL A 115 0.03 -17.42 5.82
C VAL A 115 -0.52 -16.76 4.56
N VAL A 116 -1.58 -15.98 4.74
CA VAL A 116 -2.20 -15.23 3.66
C VAL A 116 -2.17 -13.80 4.20
N PHE A 117 -1.46 -12.92 3.50
CA PHE A 117 -1.26 -11.54 3.92
C PHE A 117 -1.85 -10.63 2.85
N MET A 118 -3.01 -10.04 3.17
CA MET A 118 -3.72 -9.18 2.24
C MET A 118 -3.83 -7.75 2.72
N GLU A 119 -4.12 -6.85 1.78
CA GLU A 119 -4.27 -5.43 2.09
C GLU A 119 -5.31 -4.82 1.17
N ASN A 120 -6.08 -3.87 1.70
CA ASN A 120 -7.07 -3.17 0.90
C ASN A 120 -7.35 -1.84 1.62
N VAL A 121 -8.14 -0.99 1.00
CA VAL A 121 -8.46 0.32 1.57
C VAL A 121 -9.32 0.25 2.81
N LYS A 122 -9.26 1.30 3.62
CA LYS A 122 -10.00 1.39 4.87
C LYS A 122 -11.50 1.07 4.75
N ASN A 123 -12.15 1.63 3.74
CA ASN A 123 -13.57 1.40 3.56
C ASN A 123 -13.91 -0.08 3.37
N PHE A 124 -12.91 -0.89 3.09
CA PHE A 124 -13.16 -2.33 2.90
C PHE A 124 -13.72 -2.93 4.19
N ALA A 125 -13.31 -2.38 5.32
CA ALA A 125 -13.78 -2.88 6.60
C ALA A 125 -15.24 -2.53 6.90
N SER A 126 -15.73 -1.45 6.31
CA SER A 126 -17.12 -0.99 6.55
C SER A 126 -18.06 -1.27 5.38
N HIS A 127 -17.50 -1.51 4.20
CA HIS A 127 -18.30 -1.74 3.01
C HIS A 127 -19.47 -2.70 3.18
N ASP A 128 -20.63 -2.28 2.68
CA ASP A 128 -21.83 -3.10 2.72
C ASP A 128 -22.11 -3.57 4.15
N ASN A 129 -22.23 -2.60 5.04
CA ASN A 129 -22.50 -2.88 6.46
C ASN A 129 -21.62 -3.95 7.06
N GLY A 130 -20.36 -3.97 6.67
CA GLY A 130 -19.43 -4.95 7.21
C GLY A 130 -19.54 -6.34 6.62
N ASN A 131 -20.47 -6.53 5.69
CA ASN A 131 -20.67 -7.83 5.06
C ASN A 131 -19.50 -8.27 4.19
N THR A 132 -18.83 -7.31 3.55
CA THR A 132 -17.70 -7.63 2.69
C THR A 132 -16.55 -8.21 3.49
N LEU A 133 -16.23 -7.60 4.62
CA LEU A 133 -15.16 -8.09 5.47
C LEU A 133 -15.58 -9.46 6.01
N GLU A 134 -16.81 -9.53 6.51
CA GLU A 134 -17.36 -10.79 7.04
C GLU A 134 -17.20 -11.94 6.04
N VAL A 135 -17.47 -11.66 4.77
CA VAL A 135 -17.34 -12.67 3.73
C VAL A 135 -15.91 -13.16 3.58
N VAL A 136 -14.97 -12.23 3.68
CA VAL A 136 -13.56 -12.59 3.57
C VAL A 136 -13.18 -13.41 4.81
N LYS A 137 -13.67 -12.97 5.97
CA LYS A 137 -13.39 -13.68 7.22
C LYS A 137 -13.88 -15.12 7.15
N ASN A 138 -15.15 -15.29 6.81
CA ASN A 138 -15.72 -16.62 6.72
C ASN A 138 -15.07 -17.49 5.65
N THR A 139 -14.75 -16.88 4.52
CA THR A 139 -14.09 -17.63 3.46
C THR A 139 -12.75 -18.17 3.97
N MET A 140 -11.98 -17.30 4.61
CA MET A 140 -10.69 -17.72 5.14
C MET A 140 -10.92 -18.78 6.21
N ASN A 141 -11.88 -18.54 7.08
CA ASN A 141 -12.21 -19.48 8.14
C ASN A 141 -12.52 -20.87 7.60
N GLU A 142 -13.44 -20.96 6.64
CA GLU A 142 -13.80 -22.26 6.10
C GLU A 142 -12.66 -22.85 5.27
N LEU A 143 -11.66 -22.03 4.96
CA LEU A 143 -10.49 -22.52 4.22
C LEU A 143 -9.52 -23.05 5.26
N ASP A 144 -9.93 -22.99 6.52
CA ASP A 144 -9.16 -23.46 7.66
C ASP A 144 -8.03 -22.53 8.11
N TYR A 145 -8.31 -21.22 8.09
CA TYR A 145 -7.34 -20.21 8.51
C TYR A 145 -7.93 -19.32 9.60
N SER A 146 -7.06 -18.69 10.38
CA SER A 146 -7.49 -17.76 11.40
C SER A 146 -7.59 -16.42 10.65
N PHE A 147 -8.32 -15.46 11.18
CA PHE A 147 -8.46 -14.17 10.50
C PHE A 147 -8.15 -13.01 11.45
N HIS A 148 -7.09 -12.28 11.14
CA HIS A 148 -6.67 -11.12 11.93
C HIS A 148 -6.75 -9.92 11.01
N ALA A 149 -7.66 -8.99 11.33
CA ALA A 149 -7.82 -7.81 10.50
C ALA A 149 -7.80 -6.53 11.33
N LYS A 150 -7.20 -5.49 10.79
CA LYS A 150 -7.13 -4.22 11.48
C LYS A 150 -6.74 -3.12 10.53
N VAL A 151 -7.29 -1.93 10.75
CA VAL A 151 -6.98 -0.78 9.92
C VAL A 151 -5.84 -0.02 10.58
N LEU A 152 -4.73 0.11 9.87
CA LEU A 152 -3.57 0.83 10.40
C LEU A 152 -3.34 2.09 9.56
N ASN A 153 -2.97 3.17 10.26
CA ASN A 153 -2.71 4.46 9.64
C ASN A 153 -1.19 4.54 9.55
N ALA A 154 -0.66 4.83 8.35
CA ALA A 154 0.79 4.90 8.14
C ALA A 154 1.49 5.90 9.05
N LEU A 155 0.77 6.95 9.45
CA LEU A 155 1.35 7.99 10.29
C LEU A 155 1.79 7.46 11.65
N ASP A 156 1.29 6.29 12.04
CA ASP A 156 1.66 5.69 13.33
C ASP A 156 2.88 4.81 13.19
N TYR A 157 3.40 4.67 11.98
CA TYR A 157 4.55 3.82 11.75
C TYR A 157 5.73 4.48 11.04
N GLY A 158 5.96 5.74 11.39
CA GLY A 158 7.07 6.48 10.83
C GLY A 158 6.95 7.07 9.44
N ILE A 159 5.78 6.99 8.81
CA ILE A 159 5.62 7.52 7.46
C ILE A 159 4.64 8.69 7.46
N PRO A 160 5.08 9.86 6.96
CA PRO A 160 4.21 11.04 6.94
C PRO A 160 3.09 11.01 5.88
N GLN A 161 2.10 10.14 6.11
CA GLN A 161 0.96 10.00 5.20
C GLN A 161 -0.23 9.45 5.99
N LYS A 162 -1.39 10.11 5.89
CA LYS A 162 -2.58 9.66 6.61
C LYS A 162 -3.28 8.54 5.82
N ARG A 163 -2.49 7.57 5.36
CA ARG A 163 -3.04 6.46 4.61
C ARG A 163 -3.54 5.40 5.56
N GLU A 164 -4.82 5.05 5.45
CA GLU A 164 -5.39 4.04 6.31
C GLU A 164 -5.79 2.85 5.47
N ASN A 165 -5.35 1.67 5.86
CA ASN A 165 -5.65 0.49 5.09
C ASN A 165 -5.94 -0.68 5.99
N ILE A 166 -6.75 -1.61 5.50
CA ILE A 166 -7.05 -2.78 6.29
C ILE A 166 -6.02 -3.85 5.93
N TYR A 167 -5.40 -4.41 6.97
CA TYR A 167 -4.42 -5.45 6.80
C TYR A 167 -5.05 -6.71 7.36
N MET A 168 -5.01 -7.79 6.59
CA MET A 168 -5.59 -9.05 7.01
C MET A 168 -4.51 -10.13 6.98
N ILE A 169 -4.24 -10.69 8.15
CA ILE A 169 -3.24 -11.76 8.29
C ILE A 169 -3.97 -13.05 8.62
N CYS A 170 -3.73 -14.09 7.83
CA CYS A 170 -4.38 -15.39 8.05
C CYS A 170 -3.37 -16.53 8.22
N PHE A 171 -3.47 -17.24 9.34
CA PHE A 171 -2.57 -18.36 9.63
C PHE A 171 -3.34 -19.67 9.48
N ARG A 172 -2.71 -20.66 8.85
CA ARG A 172 -3.38 -21.94 8.68
C ARG A 172 -3.60 -22.46 10.09
N ASN A 173 -4.79 -23.03 10.34
CA ASN A 173 -5.14 -23.51 11.67
C ASN A 173 -4.21 -24.52 12.31
N ASP A 174 -3.74 -25.48 11.53
CA ASP A 174 -2.85 -26.50 12.07
C ASP A 174 -1.57 -25.91 12.66
N LEU A 175 -1.32 -24.62 12.41
CA LEU A 175 -0.12 -23.96 12.91
C LEU A 175 -0.31 -23.46 14.34
N ASN A 176 -1.56 -23.41 14.78
CA ASN A 176 -1.90 -22.96 16.13
C ASN A 176 -1.18 -21.68 16.53
N ILE A 177 -1.23 -20.68 15.65
CA ILE A 177 -0.61 -19.40 15.92
C ILE A 177 -1.56 -18.62 16.82
N GLN A 178 -1.14 -18.41 18.06
CA GLN A 178 -1.96 -17.71 19.02
C GLN A 178 -1.33 -16.40 19.48
N ASN A 179 -0.15 -16.06 18.97
CA ASN A 179 0.51 -14.85 19.41
C ASN A 179 0.78 -13.79 18.34
N PHE A 180 -0.05 -13.75 17.30
CA PHE A 180 0.17 -12.74 16.28
C PHE A 180 -0.41 -11.42 16.77
N GLN A 181 0.33 -10.34 16.53
CA GLN A 181 -0.15 -9.03 16.92
C GLN A 181 0.23 -7.97 15.88
N PHE A 182 -0.70 -7.06 15.62
CA PHE A 182 -0.43 -5.98 14.69
C PHE A 182 0.59 -5.09 15.36
N PRO A 183 1.46 -4.45 14.57
CA PRO A 183 2.46 -3.57 15.18
C PRO A 183 1.85 -2.43 15.99
N LYS A 184 2.50 -2.08 17.09
CA LYS A 184 2.03 -0.99 17.94
C LYS A 184 2.49 0.36 17.37
N PRO A 185 1.64 1.39 17.47
CA PRO A 185 1.98 2.73 16.98
C PRO A 185 3.12 3.39 17.74
N PHE A 186 3.90 4.21 17.05
CA PHE A 186 4.97 4.94 17.71
C PHE A 186 4.97 6.37 17.18
N GLU A 187 5.63 7.27 17.92
CA GLU A 187 5.65 8.68 17.55
C GLU A 187 6.23 8.96 16.19
N LEU A 188 5.55 9.81 15.42
CA LEU A 188 6.01 10.16 14.09
C LEU A 188 7.05 11.27 14.21
N ASN A 189 8.20 11.09 13.57
CA ASN A 189 9.23 12.09 13.64
C ASN A 189 9.69 12.56 12.28
N THR A 190 8.94 12.16 11.25
CA THR A 190 9.24 12.53 9.87
C THR A 190 7.99 13.16 9.27
N PHE A 191 8.17 14.27 8.55
CA PHE A 191 7.05 14.96 7.94
C PHE A 191 7.30 15.16 6.47
N VAL A 192 6.30 15.66 5.75
CA VAL A 192 6.43 15.84 4.31
C VAL A 192 7.69 16.61 3.92
N LYS A 193 7.96 17.72 4.60
CA LYS A 193 9.13 18.52 4.25
C LYS A 193 10.45 17.78 4.38
N ASP A 194 10.45 16.65 5.08
CA ASP A 194 11.67 15.87 5.24
C ASP A 194 11.94 14.95 4.06
N LEU A 195 10.92 14.73 3.23
CA LEU A 195 11.05 13.84 2.07
C LEU A 195 11.14 14.58 0.74
N LEU A 196 10.89 15.89 0.76
CA LEU A 196 10.91 16.69 -0.45
C LEU A 196 12.27 16.75 -1.14
N LEU A 197 12.23 16.85 -2.47
CA LEU A 197 13.42 16.95 -3.27
C LEU A 197 13.78 18.44 -3.33
N PRO A 198 14.98 18.77 -3.82
CA PRO A 198 15.40 20.17 -3.93
C PRO A 198 14.49 20.89 -4.93
N ASP A 199 14.28 22.18 -4.73
CA ASP A 199 13.42 22.98 -5.62
C ASP A 199 13.82 22.85 -7.10
N SER A 200 15.13 22.87 -7.36
CA SER A 200 15.63 22.79 -8.72
C SER A 200 15.16 21.58 -9.50
N GLU A 201 14.76 20.53 -8.78
CA GLU A 201 14.30 19.30 -9.42
C GLU A 201 12.80 19.20 -9.58
N VAL A 202 12.05 20.13 -9.00
CA VAL A 202 10.60 20.08 -9.07
C VAL A 202 9.95 21.35 -9.58
N GLU A 203 10.75 22.25 -10.14
CA GLU A 203 10.23 23.52 -10.65
C GLU A 203 9.08 23.31 -11.62
N HIS A 204 9.21 22.28 -12.47
CA HIS A 204 8.19 21.98 -13.47
C HIS A 204 6.86 21.59 -12.86
N LEU A 205 6.84 21.35 -11.57
CA LEU A 205 5.60 20.98 -10.89
C LEU A 205 5.00 22.21 -10.22
N VAL A 206 5.66 23.36 -10.35
CA VAL A 206 5.11 24.57 -9.73
C VAL A 206 3.91 25.07 -10.52
N ILE A 207 2.79 25.18 -9.82
CA ILE A 207 1.53 25.63 -10.39
C ILE A 207 1.14 26.96 -9.76
N ASP A 208 0.90 27.96 -10.60
CA ASP A 208 0.48 29.27 -10.11
C ASP A 208 -0.93 29.55 -10.60
N ARG A 209 -1.93 29.10 -9.85
CA ARG A 209 -3.30 29.31 -10.22
C ARG A 209 -3.89 30.56 -9.59
N LYS A 210 -4.42 31.43 -10.43
CA LYS A 210 -5.00 32.68 -9.96
C LYS A 210 -6.31 32.50 -9.23
N ASP A 211 -6.73 31.24 -9.06
CA ASP A 211 -7.97 30.96 -8.34
C ASP A 211 -7.64 30.28 -7.01
N LEU A 212 -6.39 30.43 -6.59
CA LEU A 212 -5.89 29.88 -5.34
C LEU A 212 -6.53 30.66 -4.20
N VAL A 213 -7.01 29.95 -3.20
CA VAL A 213 -7.63 30.58 -2.06
C VAL A 213 -7.04 29.99 -0.78
N MET A 214 -6.05 30.67 -0.22
CA MET A 214 -5.44 30.22 1.02
C MET A 214 -6.48 30.37 2.11
N THR A 215 -6.85 29.25 2.73
CA THR A 215 -7.87 29.25 3.76
C THR A 215 -7.28 29.28 5.16
N ASN A 216 -6.08 28.73 5.32
CA ASN A 216 -5.43 28.70 6.62
C ASN A 216 -3.99 29.19 6.58
N GLN A 217 -3.47 29.49 7.77
CA GLN A 217 -2.11 29.98 7.95
C GLN A 217 -1.11 28.84 8.00
N GLU A 218 0.05 29.03 7.38
CA GLU A 218 1.10 28.01 7.41
C GLU A 218 1.49 27.78 8.88
N ILE A 219 1.86 26.55 9.22
CA ILE A 219 2.28 26.24 10.58
C ILE A 219 3.79 26.13 10.63
N GLU A 220 4.39 26.58 11.73
CA GLU A 220 5.84 26.50 11.86
C GLU A 220 6.26 25.26 12.64
N GLN A 221 5.30 24.63 13.31
CA GLN A 221 5.55 23.42 14.09
C GLN A 221 5.02 22.18 13.39
N THR A 222 5.89 21.20 13.23
CA THR A 222 5.49 19.96 12.57
C THR A 222 4.41 19.25 13.37
N THR A 223 3.48 18.65 12.66
CA THR A 223 2.37 17.95 13.31
C THR A 223 2.07 16.67 12.53
N PRO A 224 1.67 15.59 13.23
CA PRO A 224 1.35 14.30 12.60
C PRO A 224 -0.07 14.23 12.06
N LYS A 225 -0.46 15.24 11.30
CA LYS A 225 -1.79 15.31 10.72
C LYS A 225 -1.71 16.11 9.44
N THR A 226 -2.74 16.03 8.61
CA THR A 226 -2.75 16.80 7.38
C THR A 226 -3.27 18.17 7.75
N VAL A 227 -2.64 19.21 7.21
CA VAL A 227 -3.04 20.57 7.51
C VAL A 227 -3.35 21.28 6.21
N ARG A 228 -4.63 21.46 5.91
CA ARG A 228 -5.00 22.16 4.68
C ARG A 228 -4.71 23.64 4.81
N LEU A 229 -4.12 24.21 3.76
CA LEU A 229 -3.75 25.62 3.76
C LEU A 229 -4.61 26.39 2.78
N GLY A 230 -5.17 25.69 1.80
CA GLY A 230 -6.00 26.36 0.81
C GLY A 230 -6.49 25.45 -0.28
N ILE A 231 -7.23 26.02 -1.24
CA ILE A 231 -7.76 25.24 -2.35
C ILE A 231 -7.69 26.02 -3.67
N VAL A 232 -8.02 25.32 -4.75
CA VAL A 232 -8.08 25.90 -6.08
C VAL A 232 -9.39 25.34 -6.63
N GLY A 233 -9.98 26.03 -7.60
CA GLY A 233 -11.24 25.55 -8.14
C GLY A 233 -12.28 25.43 -7.05
N LYS A 234 -12.94 24.29 -6.98
CA LYS A 234 -13.97 24.07 -5.96
C LYS A 234 -13.44 23.36 -4.72
N GLY A 235 -12.15 23.05 -4.69
CA GLY A 235 -11.60 22.36 -3.54
C GLY A 235 -11.91 20.87 -3.51
N GLY A 236 -12.08 20.28 -4.69
CA GLY A 236 -12.37 18.87 -4.77
C GLY A 236 -11.09 18.06 -4.70
N GLN A 237 -11.16 16.77 -5.01
CA GLN A 237 -9.97 15.94 -4.97
C GLN A 237 -8.94 16.49 -5.95
N GLY A 238 -7.70 16.61 -5.48
CA GLY A 238 -6.65 17.14 -6.33
C GLY A 238 -6.68 18.66 -6.39
N GLU A 239 -7.53 19.27 -5.58
CA GLU A 239 -7.65 20.74 -5.56
C GLU A 239 -7.42 21.29 -4.15
N ARG A 240 -6.76 20.51 -3.31
CA ARG A 240 -6.48 20.91 -1.94
C ARG A 240 -4.98 21.01 -1.72
N ILE A 241 -4.58 22.08 -1.03
CA ILE A 241 -3.16 22.34 -0.75
C ILE A 241 -2.90 22.18 0.73
N TYR A 242 -1.85 21.44 1.06
CA TYR A 242 -1.51 21.18 2.45
C TYR A 242 -0.12 21.64 2.83
N SER A 243 0.12 21.65 4.13
CA SER A 243 1.39 22.06 4.69
C SER A 243 2.38 20.90 4.72
N THR A 244 3.61 21.19 4.30
CA THR A 244 4.68 20.20 4.29
C THR A 244 5.16 19.95 5.72
N ARG A 245 4.65 20.74 6.67
CA ARG A 245 5.01 20.59 8.09
C ARG A 245 4.17 19.48 8.70
N GLY A 246 3.09 19.13 8.01
CA GLY A 246 2.22 18.06 8.48
C GLY A 246 2.53 16.79 7.71
N ILE A 247 1.52 15.96 7.49
CA ILE A 247 1.72 14.72 6.76
C ILE A 247 0.99 14.77 5.43
N ALA A 248 1.33 13.86 4.53
CA ALA A 248 0.71 13.82 3.21
C ALA A 248 -0.67 13.18 3.24
N ILE A 249 -1.49 13.48 2.22
CA ILE A 249 -2.81 12.88 2.11
C ILE A 249 -2.59 11.56 1.37
N THR A 250 -3.59 10.69 1.37
CA THR A 250 -3.48 9.41 0.69
C THR A 250 -3.20 9.58 -0.81
N LEU A 251 -2.12 8.96 -1.26
CA LEU A 251 -1.75 8.99 -2.66
C LEU A 251 -2.79 8.13 -3.38
N SER A 252 -3.25 8.54 -4.55
CA SER A 252 -4.24 7.77 -5.30
C SER A 252 -3.83 7.36 -6.72
N ALA A 253 -4.46 6.29 -7.21
CA ALA A 253 -4.17 5.72 -8.51
C ALA A 253 -4.85 6.36 -9.71
N TYR A 254 -6.12 6.69 -9.58
CA TYR A 254 -6.88 7.30 -10.66
C TYR A 254 -7.34 8.71 -10.30
N GLY A 255 -6.67 9.30 -9.31
CA GLY A 255 -7.03 10.64 -8.87
C GLY A 255 -7.04 11.74 -9.91
N GLY A 256 -7.95 12.70 -9.72
CA GLY A 256 -8.07 13.82 -10.62
C GLY A 256 -7.67 15.13 -9.97
N GLY A 257 -7.97 16.24 -10.63
CA GLY A 257 -7.61 17.54 -10.10
C GLY A 257 -6.24 17.97 -10.58
N ILE A 258 -5.96 19.27 -10.48
CA ILE A 258 -4.68 19.82 -10.91
C ILE A 258 -3.50 19.22 -10.14
N PHE A 259 -3.73 18.86 -8.89
CA PHE A 259 -2.70 18.23 -8.04
C PHE A 259 -3.01 16.75 -7.97
N ALA A 260 -3.43 16.20 -9.11
CA ALA A 260 -3.81 14.80 -9.21
C ALA A 260 -2.91 13.76 -8.54
N LYS A 261 -3.55 12.80 -7.89
CA LYS A 261 -2.90 11.67 -7.24
C LYS A 261 -1.92 11.93 -6.09
N THR A 262 -1.60 13.18 -5.81
CA THR A 262 -0.66 13.46 -4.71
C THR A 262 -1.16 14.54 -3.77
N GLY A 263 -1.93 15.48 -4.30
CA GLY A 263 -2.41 16.59 -3.49
C GLY A 263 -1.41 17.72 -3.71
N GLY A 264 -1.81 18.94 -3.37
CA GLY A 264 -0.93 20.08 -3.54
C GLY A 264 -0.27 20.45 -2.23
N TYR A 265 0.93 21.01 -2.30
CA TYR A 265 1.65 21.40 -1.09
C TYR A 265 2.31 22.76 -1.25
N LEU A 266 2.38 23.48 -0.14
CA LEU A 266 3.02 24.79 -0.11
C LEU A 266 4.49 24.51 0.14
N VAL A 267 5.34 24.86 -0.81
CA VAL A 267 6.78 24.64 -0.68
C VAL A 267 7.50 25.93 -1.01
N ASN A 268 8.23 26.47 -0.03
CA ASN A 268 8.95 27.72 -0.20
C ASN A 268 8.16 28.79 -0.96
N GLY A 269 6.92 29.03 -0.52
CA GLY A 269 6.11 30.04 -1.16
C GLY A 269 5.33 29.67 -2.41
N LYS A 270 5.59 28.50 -3.00
CA LYS A 270 4.85 28.10 -4.20
C LYS A 270 4.04 26.83 -3.97
N THR A 271 2.97 26.67 -4.74
CA THR A 271 2.13 25.48 -4.61
C THR A 271 2.46 24.49 -5.72
N ARG A 272 2.61 23.22 -5.38
CA ARG A 272 2.93 22.19 -6.36
C ARG A 272 2.54 20.81 -5.89
N LYS A 273 2.37 19.89 -6.83
CA LYS A 273 2.04 18.52 -6.46
C LYS A 273 3.37 17.81 -6.22
N LEU A 274 3.33 16.55 -5.82
CA LEU A 274 4.56 15.83 -5.58
C LEU A 274 5.18 15.24 -6.85
N HIS A 275 6.49 15.01 -6.75
CA HIS A 275 7.30 14.41 -7.80
C HIS A 275 7.22 12.90 -7.56
N PRO A 276 7.29 12.08 -8.63
CA PRO A 276 7.23 10.63 -8.44
C PRO A 276 8.18 10.08 -7.37
N ARG A 277 9.38 10.67 -7.25
CA ARG A 277 10.35 10.22 -6.26
C ARG A 277 9.88 10.57 -4.84
N GLU A 278 9.13 11.66 -4.72
CA GLU A 278 8.61 12.07 -3.42
C GLU A 278 7.44 11.16 -3.07
N CYS A 279 6.70 10.72 -4.09
CA CYS A 279 5.58 9.80 -3.87
C CYS A 279 6.17 8.49 -3.39
N ALA A 280 7.30 8.11 -3.98
CA ALA A 280 7.97 6.88 -3.60
C ALA A 280 8.33 6.94 -2.13
N ARG A 281 8.91 8.07 -1.72
CA ARG A 281 9.30 8.27 -0.34
C ARG A 281 8.11 8.28 0.61
N VAL A 282 7.01 8.89 0.17
CA VAL A 282 5.80 8.95 1.00
C VAL A 282 5.20 7.55 1.18
N MET A 283 5.56 6.63 0.28
CA MET A 283 5.08 5.26 0.33
C MET A 283 6.14 4.34 0.99
N GLY A 284 7.21 4.95 1.46
CA GLY A 284 8.26 4.20 2.12
C GLY A 284 9.20 3.48 1.20
N TYR A 285 9.21 3.85 -0.07
CA TYR A 285 10.11 3.21 -1.02
C TYR A 285 11.52 3.80 -0.93
N PRO A 286 12.54 2.94 -1.07
CA PRO A 286 13.93 3.42 -1.00
C PRO A 286 14.26 4.19 -2.26
N ASP A 287 15.21 5.12 -2.17
CA ASP A 287 15.60 5.90 -3.35
C ASP A 287 16.25 5.02 -4.41
N SER A 288 16.61 3.80 -4.05
CA SER A 288 17.21 2.89 -5.00
C SER A 288 16.16 2.25 -5.91
N TYR A 289 14.88 2.37 -5.53
CA TYR A 289 13.82 1.80 -6.36
C TYR A 289 13.65 2.63 -7.63
N LYS A 290 13.71 1.97 -8.78
CA LYS A 290 13.59 2.66 -10.06
C LYS A 290 12.13 2.93 -10.43
N VAL A 291 11.76 4.20 -10.58
CA VAL A 291 10.38 4.52 -10.92
C VAL A 291 10.18 4.36 -12.43
N HIS A 292 8.93 4.18 -12.83
CA HIS A 292 8.62 4.00 -14.24
C HIS A 292 8.94 5.27 -15.01
N PRO A 293 9.46 5.12 -16.24
CA PRO A 293 9.81 6.27 -17.08
C PRO A 293 8.63 7.22 -17.39
N SER A 294 7.41 6.72 -17.25
CA SER A 294 6.23 7.56 -17.46
C SER A 294 5.78 8.10 -16.11
N THR A 295 5.86 9.41 -15.92
CA THR A 295 5.46 10.01 -14.66
C THR A 295 3.99 9.70 -14.39
N SER A 296 3.19 9.69 -15.45
CA SER A 296 1.77 9.40 -15.32
C SER A 296 1.55 8.01 -14.77
N GLN A 297 2.31 7.04 -15.27
CA GLN A 297 2.18 5.66 -14.80
C GLN A 297 2.78 5.48 -13.41
N ALA A 298 3.82 6.24 -13.11
CA ALA A 298 4.46 6.14 -11.81
C ALA A 298 3.51 6.68 -10.73
N TYR A 299 2.81 7.77 -11.02
CA TYR A 299 1.86 8.35 -10.06
C TYR A 299 0.75 7.35 -9.77
N LYS A 300 0.28 6.69 -10.81
CA LYS A 300 -0.77 5.70 -10.69
C LYS A 300 -0.32 4.50 -9.87
N GLN A 301 0.90 4.05 -10.10
CA GLN A 301 1.46 2.90 -9.41
C GLN A 301 1.72 3.17 -7.93
N PHE A 302 2.32 4.31 -7.60
CA PHE A 302 2.54 4.62 -6.20
C PHE A 302 1.21 4.86 -5.49
N GLY A 303 0.24 5.41 -6.20
CA GLY A 303 -1.06 5.66 -5.59
C GLY A 303 -1.85 4.38 -5.35
N ASN A 304 -1.45 3.30 -6.02
CA ASN A 304 -2.10 2.00 -5.91
C ASN A 304 -1.35 1.13 -4.88
N SER A 305 -0.10 1.48 -4.66
CA SER A 305 0.78 0.71 -3.80
C SER A 305 0.52 0.62 -2.31
N VAL A 306 1.51 0.08 -1.61
CA VAL A 306 1.48 -0.10 -0.17
C VAL A 306 2.61 0.67 0.48
N VAL A 307 2.48 0.93 1.78
CA VAL A 307 3.51 1.63 2.53
C VAL A 307 4.46 0.55 3.02
N ILE A 308 5.68 0.53 2.48
CA ILE A 308 6.67 -0.48 2.82
C ILE A 308 6.89 -0.69 4.32
N ASN A 309 7.18 0.38 5.05
CA ASN A 309 7.42 0.29 6.47
C ASN A 309 6.31 -0.44 7.21
N VAL A 310 5.05 -0.12 6.93
CA VAL A 310 3.93 -0.78 7.59
C VAL A 310 3.96 -2.29 7.33
N LEU A 311 4.20 -2.69 6.08
CA LEU A 311 4.25 -4.11 5.74
C LEU A 311 5.46 -4.80 6.39
N GLN A 312 6.55 -4.06 6.57
CA GLN A 312 7.74 -4.63 7.20
C GLN A 312 7.47 -4.99 8.65
N TYR A 313 6.85 -4.08 9.39
CA TYR A 313 6.54 -4.30 10.79
C TYR A 313 5.58 -5.48 10.94
N ILE A 314 4.65 -5.60 9.99
CA ILE A 314 3.69 -6.70 10.01
C ILE A 314 4.40 -8.00 9.63
N ALA A 315 5.17 -7.97 8.56
CA ALA A 315 5.90 -9.15 8.10
C ALA A 315 6.80 -9.68 9.22
N TYR A 316 7.42 -8.76 9.94
CA TYR A 316 8.32 -9.12 11.03
C TYR A 316 7.53 -9.83 12.14
N ASN A 317 6.32 -9.35 12.40
CA ASN A 317 5.47 -9.93 13.43
C ASN A 317 4.89 -11.28 13.01
N ILE A 318 4.71 -11.46 11.70
CA ILE A 318 4.20 -12.73 11.18
C ILE A 318 5.29 -13.76 11.43
N GLY A 319 6.53 -13.39 11.06
CA GLY A 319 7.66 -14.28 11.26
C GLY A 319 7.91 -14.59 12.73
N SER A 320 7.76 -13.59 13.59
CA SER A 320 7.96 -13.78 15.03
C SER A 320 6.99 -14.85 15.56
N SER A 321 5.75 -14.82 15.07
CA SER A 321 4.73 -15.77 15.48
C SER A 321 5.00 -17.16 14.93
N LEU A 322 5.43 -17.24 13.68
CA LEU A 322 5.72 -18.53 13.07
C LEU A 322 6.96 -19.19 13.69
N ASN A 323 7.89 -18.36 14.16
CA ASN A 323 9.11 -18.88 14.74
C ASN A 323 9.02 -19.25 16.20
N PHE A 324 7.92 -18.86 16.85
CA PHE A 324 7.74 -19.20 18.26
C PHE A 324 7.19 -20.62 18.32
N LYS A 325 8.06 -21.60 18.53
CA LYS A 325 7.66 -22.99 18.60
C LYS A 325 8.32 -23.69 19.78
N PRO A 326 7.99 -23.27 21.02
CA PRO A 326 8.58 -23.89 22.21
C PRO A 326 8.10 -25.31 22.43
N TYR A 327 8.88 -26.07 23.21
CA TYR A 327 8.54 -27.45 23.54
C TYR A 327 7.42 -27.46 24.58
N1 5CM B 7 -14.51 16.27 -10.09
C2 5CM B 7 -14.21 14.93 -9.91
N3 5CM B 7 -12.96 14.69 -9.41
C4 5CM B 7 -12.01 15.62 -9.07
C5 5CM B 7 -12.37 17.00 -9.27
C5A 5CM B 7 -11.39 18.07 -8.92
C6 5CM B 7 -13.59 17.26 -9.77
O2 5CM B 7 -14.99 14.04 -10.17
N4 5CM B 7 -10.82 15.23 -8.62
C1' 5CM B 7 -15.83 16.62 -10.62
C2' 5CM B 7 -16.57 17.70 -9.85
C3' 5CM B 7 -17.44 18.36 -10.92
C4' 5CM B 7 -16.69 18.10 -12.23
O4' 5CM B 7 -15.65 17.14 -11.92
O3' 5CM B 7 -18.72 17.77 -10.97
C5' 5CM B 7 -16.11 19.35 -12.81
O5' 5CM B 7 -15.80 20.26 -11.77
P 5CM B 7 -15.47 21.77 -12.12
OP1 5CM B 7 -16.74 22.42 -12.53
OP2 5CM B 7 -14.65 22.36 -11.04
N SAH D . 0.57 -3.87 -3.57
CA SAH D . 0.78 -3.58 -5.00
CB SAH D . -0.31 -2.79 -5.74
CG SAH D . -1.67 -3.45 -5.69
SD SAH D . -3.00 -2.55 -6.55
C SAH D . 2.17 -2.91 -5.02
O SAH D . 2.86 -2.74 -3.96
OXT SAH D . 2.29 -1.75 -5.63
C5' SAH D . -3.77 -3.93 -7.43
C4' SAH D . -3.01 -4.47 -8.63
O4' SAH D . -3.73 -5.54 -9.18
C3' SAH D . -2.86 -3.50 -9.79
O3' SAH D . -1.47 -3.23 -10.09
C2' SAH D . -3.60 -4.20 -10.93
O2' SAH D . -3.03 -3.94 -12.24
C1' SAH D . -3.46 -5.64 -10.57
N9 SAH D . -4.51 -6.45 -11.10
C8 SAH D . -5.86 -6.12 -11.15
N7 SAH D . -6.57 -7.06 -11.67
C5 SAH D . -5.68 -8.07 -12.00
C6 SAH D . -5.84 -9.35 -12.60
N6 SAH D . -7.00 -9.85 -13.01
N1 SAH D . -4.72 -10.11 -12.79
C2 SAH D . -3.49 -9.65 -12.41
N3 SAH D . -3.22 -8.48 -11.84
C4 SAH D . -4.40 -7.72 -11.66
S SO4 E . 16.44 23.72 -1.71
O1 SO4 E . 14.96 23.60 -2.36
O2 SO4 E . 16.29 24.65 -0.62
O3 SO4 E . 16.86 22.55 -1.33
O4 SO4 E . 17.20 24.34 -2.77
S SO4 F . 17.94 4.51 -0.06
O1 SO4 F . 18.00 3.16 0.83
O2 SO4 F . 16.65 5.12 0.24
O3 SO4 F . 18.94 5.29 0.25
O4 SO4 F . 17.93 4.00 -1.41
S SO4 G . 21.53 0.05 -10.32
O1 SO4 G . 20.11 -0.69 -10.08
O2 SO4 G . 21.19 1.39 -10.76
O3 SO4 G . 22.22 0.04 -9.21
O4 SO4 G . 22.10 -0.68 -11.42
S SO4 H . 3.75 -26.54 5.14
O1 SO4 H . 2.94 -27.59 4.18
O2 SO4 H . 3.40 -25.23 4.62
O3 SO4 H . 3.41 -26.71 6.39
O4 SO4 H . 5.13 -26.83 4.82
C1 GOL I . -3.59 2.08 15.77
O1 GOL I . -2.79 0.88 15.71
C2 GOL I . -4.47 2.11 14.51
O2 GOL I . -5.80 2.35 14.95
C3 GOL I . -4.03 3.13 13.55
O3 GOL I . -2.63 2.84 13.16
C1 GOL J . 14.87 -6.11 14.30
O1 GOL J . 15.72 -7.00 13.58
C2 GOL J . 15.71 -4.93 14.77
O2 GOL J . 16.99 -5.42 15.15
C3 GOL J . 15.81 -3.90 13.73
O3 GOL J . 16.77 -4.39 12.70
#